data_5WXR
#
_entry.id   5WXR
#
_cell.length_a   120.874
_cell.length_b   120.874
_cell.length_c   42.958
_cell.angle_alpha   90.00
_cell.angle_beta   90.00
_cell.angle_gamma   120.00
#
_symmetry.space_group_name_H-M   'H 3'
#
loop_
_entity.id
_entity.type
_entity.pdbx_description
1 polymer 'Urokinase-type plasminogen activator chain B'
2 polymer 'upain-2-4-W3A peptide'
3 water water
#
loop_
_entity_poly.entity_id
_entity_poly.type
_entity_poly.pdbx_seq_one_letter_code
_entity_poly.pdbx_strand_id
1 'polypeptide(L)'
;IIGGEFTTIENQPWFAAIYRRHRGGSVTYVCGGSLISPCWVISATHCFIDYPKKEDYIVYLGRSRLNSNTQGEMKFEVEN
LILHKDYSADTLAHHNDIALLKIRSKEGRCAQPSRTIQTIALPSMYNDPQFGTSCEITGFGKEQSTDYLYPEQLKMTVVK
LISHRECQQPHYYGSEVTTKMLCAADPQWKTDSCQGDSGGPLVCSLQGRMTLTGIVSWGRGCALKDKPGVYTRVSHFLPW
IRSHTKEENGLAL
;
U
2 'polypeptide(L)' GACSARGLENHAAC P
#
# COMPACT_ATOMS: atom_id res chain seq x y z
N ILE A 1 -8.99 3.39 5.22
CA ILE A 1 -8.53 3.37 6.63
C ILE A 1 -9.77 3.39 7.53
N ILE A 2 -9.94 2.34 8.33
CA ILE A 2 -11.02 2.26 9.33
C ILE A 2 -10.52 3.01 10.56
N GLY A 3 -11.33 3.93 11.08
CA GLY A 3 -10.91 4.74 12.22
C GLY A 3 -9.78 5.68 11.84
N GLY A 4 -8.85 5.90 12.78
CA GLY A 4 -7.75 6.82 12.55
C GLY A 4 -8.22 8.25 12.36
N GLU A 5 -7.52 8.97 11.49
CA GLU A 5 -7.73 10.41 11.36
C GLU A 5 -7.48 10.86 9.93
N PHE A 6 -8.12 11.96 9.55
CA PHE A 6 -7.82 12.59 8.28
C PHE A 6 -6.48 13.28 8.35
N THR A 7 -5.85 13.41 7.19
CA THR A 7 -4.52 13.96 7.10
C THR A 7 -4.35 14.63 5.74
N THR A 8 -3.17 15.16 5.49
CA THR A 8 -2.83 15.70 4.19
C THR A 8 -1.48 15.14 3.79
N ILE A 9 -1.16 15.34 2.52
CA ILE A 9 0.05 14.77 1.93
C ILE A 9 1.35 15.23 2.60
N GLU A 10 1.37 16.40 3.23
CA GLU A 10 2.55 16.87 3.97
C GLU A 10 3.00 15.90 5.10
N ASN A 11 2.05 15.16 5.65
CA ASN A 11 2.33 14.16 6.71
C ASN A 11 2.70 12.78 6.19
N GLN A 12 2.64 12.58 4.88
CA GLN A 12 3.07 11.34 4.24
C GLN A 12 3.46 11.64 2.79
N PRO A 13 4.49 12.50 2.60
CA PRO A 13 4.79 13.06 1.26
C PRO A 13 5.38 12.08 0.24
N TRP A 14 5.67 10.86 0.67
CA TRP A 14 6.03 9.75 -0.21
C TRP A 14 4.82 8.99 -0.75
N PHE A 15 3.62 9.32 -0.28
CA PHE A 15 2.42 8.60 -0.68
C PHE A 15 2.07 8.86 -2.14
N ALA A 16 1.88 7.77 -2.89
CA ALA A 16 1.53 7.82 -4.31
C ALA A 16 0.11 7.32 -4.48
N ALA A 17 -0.68 8.07 -5.25
CA ALA A 17 -2.07 7.73 -5.57
C ALA A 17 -2.12 7.18 -7.00
N ILE A 18 -2.52 5.92 -7.15
CA ILE A 18 -2.49 5.21 -8.43
C ILE A 18 -3.91 4.97 -8.95
N TYR A 19 -4.15 5.40 -10.19
CA TYR A 19 -5.46 5.32 -10.85
C TYR A 19 -5.35 4.54 -12.15
N ARG A 20 -6.49 4.08 -12.64
CA ARG A 20 -6.56 3.38 -13.91
C ARG A 20 -7.53 4.01 -14.86
N ARG A 21 -7.13 4.13 -16.11
CA ARG A 21 -8.01 4.63 -17.15
C ARG A 21 -8.86 3.52 -17.66
N HIS A 22 -10.05 3.84 -18.10
CA HIS A 22 -10.92 2.85 -18.63
C HIS A 22 -11.22 3.14 -20.08
N ARG A 23 -11.65 2.10 -20.79
CA ARG A 23 -12.05 2.25 -22.19
C ARG A 23 -13.26 3.15 -22.05
N GLY A 24 -13.22 4.27 -22.71
CA GLY A 24 -14.22 5.29 -22.55
C GLY A 24 -13.63 6.53 -21.87
N GLY A 25 -12.55 6.35 -21.16
CA GLY A 25 -11.85 7.45 -20.53
C GLY A 25 -12.07 7.88 -19.11
N SER A 26 -12.98 7.24 -18.41
CA SER A 26 -13.16 7.57 -17.00
C SER A 26 -11.91 7.01 -16.31
N VAL A 27 -11.47 7.65 -15.21
CA VAL A 27 -10.34 7.29 -14.41
C VAL A 27 -10.81 7.02 -13.00
N THR A 28 -10.44 5.87 -12.48
CA THR A 28 -10.83 5.45 -11.13
C THR A 28 -9.62 5.03 -10.31
N TYR A 29 -9.77 5.14 -8.99
CA TYR A 29 -8.68 4.84 -8.07
C TYR A 29 -8.45 3.34 -7.98
N VAL A 30 -7.17 2.95 -7.91
CA VAL A 30 -6.78 1.54 -7.82
C VAL A 30 -6.19 1.24 -6.47
N CYS A 31 -5.07 1.87 -6.16
CA CYS A 31 -4.26 1.51 -5.00
C CYS A 31 -3.32 2.64 -4.61
N GLY A 32 -2.76 2.53 -3.41
CA GLY A 32 -1.68 3.39 -2.98
C GLY A 32 -0.31 2.88 -3.42
N GLY A 33 0.70 3.69 -3.18
CA GLY A 33 2.10 3.32 -3.41
C GLY A 33 3.00 4.21 -2.58
N SER A 34 4.30 3.95 -2.61
CA SER A 34 5.28 4.79 -1.88
C SER A 34 6.46 5.15 -2.79
N LEU A 35 6.81 6.44 -2.81
CA LEU A 35 7.94 6.93 -3.60
C LEU A 35 9.25 6.60 -2.87
N ILE A 36 10.05 5.72 -3.48
CA ILE A 36 11.32 5.26 -2.87
C ILE A 36 12.56 5.91 -3.53
N SER A 37 12.38 6.47 -4.72
CA SER A 37 13.37 7.33 -5.36
C SER A 37 12.62 8.20 -6.37
N PRO A 38 13.27 9.23 -6.95
CA PRO A 38 12.54 10.13 -7.84
C PRO A 38 11.73 9.47 -8.96
N CYS A 39 12.26 8.41 -9.56
CA CYS A 39 11.61 7.73 -10.68
C CYS A 39 10.86 6.44 -10.32
N TRP A 40 10.86 6.03 -9.04
CA TRP A 40 10.32 4.71 -8.64
C TRP A 40 9.30 4.74 -7.51
N VAL A 41 8.12 4.16 -7.77
CA VAL A 41 7.07 3.97 -6.77
C VAL A 41 6.93 2.47 -6.49
N ILE A 42 6.82 2.11 -5.21
CA ILE A 42 6.65 0.70 -4.84
C ILE A 42 5.22 0.48 -4.34
N SER A 43 4.64 -0.67 -4.72
CA SER A 43 3.23 -0.96 -4.45
C SER A 43 3.03 -2.47 -4.31
N ALA A 44 1.81 -2.95 -4.49
CA ALA A 44 1.47 -4.37 -4.41
C ALA A 44 1.14 -4.93 -5.81
N THR A 45 1.63 -6.14 -6.12
CA THR A 45 1.32 -6.79 -7.41
C THR A 45 -0.18 -7.02 -7.61
N HIS A 46 -0.91 -7.37 -6.55
CA HIS A 46 -2.34 -7.72 -6.71
C HIS A 46 -3.18 -6.56 -7.25
N CYS A 47 -2.71 -5.32 -7.04
CA CYS A 47 -3.37 -4.13 -7.59
C CYS A 47 -3.42 -4.08 -9.11
N PHE A 48 -2.47 -4.75 -9.76
CA PHE A 48 -2.29 -4.67 -11.21
C PHE A 48 -2.43 -6.00 -11.96
N ILE A 49 -2.44 -7.12 -11.25
CA ILE A 49 -2.29 -8.43 -11.88
C ILE A 49 -3.37 -8.76 -12.92
N ASP A 50 -4.59 -8.28 -12.70
CA ASP A 50 -5.70 -8.52 -13.64
C ASP A 50 -5.68 -7.62 -14.87
N TYR A 51 -5.01 -6.47 -14.78
CA TYR A 51 -4.86 -5.55 -15.91
C TYR A 51 -3.41 -5.05 -15.97
N PRO A 52 -2.48 -5.93 -16.36
CA PRO A 52 -1.04 -5.62 -16.22
C PRO A 52 -0.42 -4.70 -17.31
N LYS A 53 -1.24 -3.94 -18.01
CA LYS A 53 -0.78 -3.05 -19.09
C LYS A 53 -0.44 -1.69 -18.48
N LYS A 54 0.83 -1.31 -18.55
CA LYS A 54 1.34 -0.05 -17.95
C LYS A 54 0.65 1.21 -18.48
N GLU A 55 0.21 1.18 -19.73
CA GLU A 55 -0.48 2.33 -20.34
C GLU A 55 -1.85 2.63 -19.70
N ASP A 56 -2.39 1.66 -18.96
CA ASP A 56 -3.67 1.83 -18.26
C ASP A 56 -3.60 2.77 -17.05
N TYR A 57 -2.40 3.03 -16.51
CA TYR A 57 -2.27 3.64 -15.18
C TYR A 57 -1.74 5.07 -15.15
N ILE A 58 -2.20 5.81 -14.15
CA ILE A 58 -1.77 7.17 -13.88
C ILE A 58 -1.35 7.22 -12.43
N VAL A 59 -0.21 7.87 -12.15
CA VAL A 59 0.30 8.01 -10.78
C VAL A 59 0.38 9.49 -10.43
N TYR A 60 -0.23 9.87 -9.30
CA TYR A 60 -0.07 11.22 -8.75
C TYR A 60 0.79 11.18 -7.49
N LEU A 61 1.61 12.22 -7.35
CA LEU A 61 2.35 12.49 -6.12
C LEU A 61 1.91 13.87 -5.64
N GLY A 62 2.08 14.14 -4.34
CA GLY A 62 1.66 15.40 -3.76
C GLY A 62 0.14 15.62 -3.73
N ARG A 63 -0.61 14.52 -3.68
CA ARG A 63 -2.07 14.57 -3.74
C ARG A 63 -2.71 14.20 -2.40
N SER A 64 -3.52 15.10 -1.86
CA SER A 64 -4.24 14.89 -0.57
C SER A 64 -5.70 14.50 -0.74
N ARG A 65 -6.26 14.64 -1.94
CA ARG A 65 -7.67 14.33 -2.19
C ARG A 65 -7.85 13.41 -3.39
N LEU A 66 -8.92 12.61 -3.34
CA LEU A 66 -9.08 11.49 -4.26
C LEU A 66 -9.53 11.91 -5.67
N ASN A 67 -10.53 12.78 -5.74
CA ASN A 67 -11.13 13.17 -7.02
C ASN A 67 -11.12 14.69 -7.24
N SER A 68 -10.19 15.38 -6.59
CA SER A 68 -9.94 16.79 -6.87
C SER A 68 -8.43 17.02 -6.80
N ASN A 69 -7.97 18.04 -7.51
CA ASN A 69 -6.54 18.32 -7.58
C ASN A 69 -6.09 18.99 -6.29
N THR A 70 -4.87 18.68 -5.86
CA THR A 70 -4.20 19.33 -4.74
C THR A 70 -3.15 20.25 -5.33
N GLN A 71 -3.02 21.45 -4.77
CA GLN A 71 -2.01 22.39 -5.24
C GLN A 71 -0.62 21.79 -5.03
N GLY A 72 0.18 21.81 -6.10
CA GLY A 72 1.55 21.31 -6.08
C GLY A 72 1.72 19.87 -6.55
N GLU A 73 0.61 19.18 -6.86
CA GLU A 73 0.68 17.78 -7.28
C GLU A 73 1.39 17.60 -8.63
N MET A 74 1.90 16.39 -8.85
CA MET A 74 2.48 16.01 -10.14
C MET A 74 1.83 14.72 -10.63
N LYS A 75 1.59 14.65 -11.94
CA LYS A 75 0.94 13.53 -12.61
C LYS A 75 1.97 12.81 -13.48
N PHE A 76 1.97 11.48 -13.43
CA PHE A 76 2.95 10.67 -14.17
C PHE A 76 2.30 9.53 -14.91
N GLU A 77 2.88 9.20 -16.06
CA GLU A 77 2.60 7.95 -16.75
C GLU A 77 3.50 6.87 -16.17
N VAL A 78 3.17 5.61 -16.43
CA VAL A 78 3.97 4.48 -15.95
C VAL A 78 4.86 4.03 -17.11
N GLU A 79 6.16 4.30 -16.99
CA GLU A 79 7.15 3.91 -18.00
C GLU A 79 7.38 2.40 -17.97
N ASN A 80 7.42 1.82 -16.78
CA ASN A 80 7.57 0.37 -16.58
C ASN A 80 6.73 -0.10 -15.40
N LEU A 81 6.06 -1.24 -15.56
CA LEU A 81 5.28 -1.88 -14.50
C LEU A 81 5.87 -3.26 -14.24
N ILE A 82 6.54 -3.40 -13.10
CA ILE A 82 7.26 -4.62 -12.74
C ILE A 82 6.52 -5.33 -11.61
N LEU A 83 5.97 -6.50 -11.92
CA LEU A 83 5.27 -7.34 -10.95
C LEU A 83 6.19 -8.46 -10.52
N HIS A 84 5.97 -9.00 -9.32
CA HIS A 84 6.84 -10.04 -8.80
C HIS A 84 6.52 -11.37 -9.46
N LYS A 85 7.54 -11.97 -10.10
CA LYS A 85 7.36 -13.21 -10.88
C LYS A 85 6.81 -14.40 -10.07
N ASP A 86 7.16 -14.46 -8.79
CA ASP A 86 6.62 -15.47 -7.84
C ASP A 86 5.35 -15.10 -7.08
N TYR A 87 4.61 -14.10 -7.57
CA TYR A 87 3.31 -13.77 -7.02
C TYR A 87 2.37 -14.98 -7.05
N SER A 88 1.57 -15.09 -6.01
CA SER A 88 0.51 -16.04 -5.93
C SER A 88 -0.56 -15.66 -4.92
N ALA A 89 -1.74 -16.13 -5.19
CA ALA A 89 -2.82 -15.95 -4.28
C ALA A 89 -3.74 -17.18 -4.10
N ASP A 90 -4.26 -17.32 -2.90
CA ASP A 90 -5.24 -18.36 -2.62
C ASP A 90 -6.45 -17.56 -2.28
N THR A 91 -7.39 -18.14 -1.56
CA THR A 91 -8.59 -17.44 -1.20
C THR A 91 -8.28 -16.23 -0.39
N LEU A 92 -7.25 -16.33 0.45
CA LEU A 92 -6.84 -15.22 1.24
C LEU A 92 -5.46 -14.61 0.99
N ALA A 93 -4.41 -15.34 1.23
CA ALA A 93 -3.09 -14.80 1.13
C ALA A 93 -2.60 -14.50 -0.26
N HIS A 94 -1.85 -13.42 -0.34
CA HIS A 94 -1.18 -12.97 -1.48
C HIS A 94 0.28 -13.11 -1.12
N HIS A 95 1.02 -13.91 -1.88
CA HIS A 95 2.44 -14.13 -1.67
C HIS A 95 3.23 -13.26 -2.62
N ASN A 96 4.39 -12.77 -2.15
CA ASN A 96 5.27 -11.90 -2.93
C ASN A 96 4.51 -10.73 -3.56
N ASP A 97 3.70 -10.10 -2.72
CA ASP A 97 2.76 -9.08 -3.18
C ASP A 97 3.47 -7.72 -3.16
N ILE A 98 4.30 -7.53 -4.18
CA ILE A 98 5.15 -6.35 -4.28
C ILE A 98 5.32 -6.01 -5.77
N ALA A 99 5.33 -4.72 -6.08
CA ALA A 99 5.40 -4.24 -7.45
C ALA A 99 6.12 -2.91 -7.51
N LEU A 100 6.76 -2.67 -8.64
CA LEU A 100 7.48 -1.42 -8.88
C LEU A 100 6.93 -0.71 -10.11
N LEU A 101 6.69 0.59 -9.96
CA LEU A 101 6.25 1.44 -11.06
C LEU A 101 7.34 2.47 -11.30
N LYS A 102 7.93 2.46 -12.50
CA LYS A 102 8.82 3.53 -12.91
C LYS A 102 7.96 4.62 -13.51
N ILE A 103 8.06 5.83 -12.93
CA ILE A 103 7.19 6.94 -13.29
C ILE A 103 7.90 7.94 -14.20
N ARG A 104 7.15 8.48 -15.13
CA ARG A 104 7.66 9.50 -16.05
C ARG A 104 6.52 10.39 -16.54
N SER A 105 6.67 11.70 -16.44
CA SER A 105 5.62 12.64 -16.89
C SER A 105 5.58 12.73 -18.41
N LYS A 106 4.58 13.44 -18.93
CA LYS A 106 4.51 13.77 -20.38
C LYS A 106 5.75 14.53 -20.88
N GLU A 107 6.40 15.27 -19.99
CA GLU A 107 7.61 16.05 -20.30
C GLU A 107 8.90 15.23 -20.19
N GLY A 108 8.79 13.95 -19.78
CA GLY A 108 9.94 13.07 -19.62
C GLY A 108 10.66 13.19 -18.29
N ARG A 109 9.98 13.72 -17.27
CA ARG A 109 10.60 13.95 -15.97
C ARG A 109 10.03 13.04 -14.88
N CYS A 110 10.85 12.84 -13.84
CA CYS A 110 10.47 12.07 -12.65
C CYS A 110 10.00 13.04 -11.56
N ALA A 111 9.81 12.53 -10.35
CA ALA A 111 9.38 13.37 -9.21
C ALA A 111 10.43 14.44 -8.88
N GLN A 112 9.94 15.65 -8.61
CA GLN A 112 10.77 16.74 -8.10
C GLN A 112 10.39 16.93 -6.62
N PRO A 113 11.35 16.68 -5.70
CA PRO A 113 11.06 16.86 -4.28
C PRO A 113 10.59 18.27 -3.90
N SER A 114 9.60 18.32 -3.02
CA SER A 114 9.00 19.57 -2.54
C SER A 114 8.47 19.35 -1.13
N ARG A 115 7.74 20.33 -0.61
CA ARG A 115 7.10 20.18 0.69
C ARG A 115 6.06 19.04 0.69
N THR A 116 5.44 18.77 -0.46
CA THR A 116 4.42 17.73 -0.60
C THR A 116 4.89 16.43 -1.27
N ILE A 117 6.13 16.39 -1.78
CA ILE A 117 6.66 15.24 -2.52
C ILE A 117 8.07 14.92 -2.00
N GLN A 118 8.23 13.79 -1.31
CA GLN A 118 9.53 13.35 -0.76
C GLN A 118 9.62 11.84 -0.86
N THR A 119 10.84 11.29 -0.79
CA THR A 119 11.04 9.84 -0.79
C THR A 119 11.01 9.28 0.63
N ILE A 120 10.79 7.97 0.72
CA ILE A 120 10.84 7.24 1.99
C ILE A 120 11.98 6.22 1.94
N ALA A 121 12.72 6.13 3.04
CA ALA A 121 13.84 5.21 3.15
C ALA A 121 13.37 3.77 3.26
N LEU A 122 14.13 2.88 2.63
CA LEU A 122 13.93 1.46 2.78
C LEU A 122 14.63 0.98 4.04
N PRO A 123 14.16 -0.12 4.64
CA PRO A 123 14.87 -0.70 5.80
C PRO A 123 16.17 -1.36 5.36
N SER A 124 17.07 -1.58 6.31
CA SER A 124 18.21 -2.46 6.09
C SER A 124 17.71 -3.91 6.15
N MET A 125 18.43 -4.83 5.53
CA MET A 125 17.90 -6.19 5.34
C MET A 125 17.59 -6.91 6.65
N TYR A 126 16.44 -7.59 6.66
CA TYR A 126 15.99 -8.38 7.81
C TYR A 126 15.97 -7.59 9.14
N ASN A 127 15.76 -6.27 9.04
CA ASN A 127 15.71 -5.39 10.20
C ASN A 127 14.32 -4.78 10.30
N ASP A 128 13.53 -5.31 11.23
CA ASP A 128 12.19 -4.82 11.50
C ASP A 128 12.07 -4.43 12.97
N PRO A 129 11.09 -3.55 13.29
CA PRO A 129 10.87 -3.25 14.71
C PRO A 129 10.38 -4.47 15.48
N GLN A 130 10.59 -4.47 16.79
CA GLN A 130 10.08 -5.54 17.65
C GLN A 130 8.56 -5.52 17.70
N PHE A 131 7.96 -6.68 17.99
CA PHE A 131 6.50 -6.77 18.10
C PHE A 131 5.98 -5.82 19.18
N GLY A 132 4.77 -5.33 18.98
CA GLY A 132 4.20 -4.30 19.84
C GLY A 132 4.58 -2.87 19.48
N THR A 133 5.51 -2.69 18.53
CA THR A 133 5.91 -1.35 18.07
C THR A 133 4.75 -0.74 17.28
N SER A 134 4.49 0.54 17.53
CA SER A 134 3.44 1.29 16.82
C SER A 134 3.97 1.80 15.49
N CYS A 135 3.21 1.58 14.42
CA CYS A 135 3.55 2.06 13.09
C CYS A 135 2.34 2.73 12.46
N GLU A 136 2.58 3.50 11.40
CA GLU A 136 1.56 4.27 10.70
C GLU A 136 1.16 3.60 9.39
N ILE A 137 -0.10 3.73 9.02
CA ILE A 137 -0.60 3.33 7.71
C ILE A 137 -1.40 4.48 7.11
N THR A 138 -1.32 4.63 5.80
CA THR A 138 -1.93 5.77 5.09
C THR A 138 -2.63 5.30 3.82
N GLY A 139 -3.76 5.92 3.51
CA GLY A 139 -4.44 5.61 2.27
C GLY A 139 -5.79 6.27 2.08
N PHE A 140 -6.34 6.05 0.89
CA PHE A 140 -7.68 6.52 0.50
C PHE A 140 -8.74 5.40 0.56
N GLY A 141 -8.45 4.30 1.26
CA GLY A 141 -9.36 3.15 1.27
C GLY A 141 -10.61 3.38 2.11
N LYS A 142 -11.50 2.40 2.13
CA LYS A 142 -12.80 2.56 2.80
C LYS A 142 -12.67 2.90 4.28
N GLU A 143 -13.61 3.70 4.79
CA GLU A 143 -13.70 4.05 6.21
C GLU A 143 -14.50 3.03 7.01
N GLN A 144 -15.34 2.27 6.33
CA GLN A 144 -16.06 1.13 6.90
C GLN A 144 -16.10 0.01 5.87
N SER A 145 -16.09 -1.23 6.35
CA SER A 145 -16.15 -2.41 5.47
C SER A 145 -17.37 -2.38 4.54
N THR A 146 -18.49 -1.89 5.06
CA THR A 146 -19.75 -1.83 4.32
C THR A 146 -19.90 -0.61 3.39
N ASP A 147 -18.95 0.33 3.41
CA ASP A 147 -19.03 1.52 2.57
C ASP A 147 -18.93 1.15 1.10
N TYR A 148 -19.65 1.91 0.27
CA TYR A 148 -19.53 1.82 -1.19
C TYR A 148 -18.49 2.80 -1.70
N LEU A 149 -18.48 4.00 -1.13
CA LEU A 149 -17.55 5.06 -1.53
C LEU A 149 -16.22 4.97 -0.77
N TYR A 150 -15.19 5.52 -1.39
CA TYR A 150 -13.92 5.81 -0.72
C TYR A 150 -13.97 7.25 -0.21
N PRO A 151 -13.26 7.57 0.86
CA PRO A 151 -13.17 8.91 1.41
C PRO A 151 -12.47 9.82 0.40
N GLU A 152 -12.87 11.08 0.34
CA GLU A 152 -12.29 12.00 -0.58
C GLU A 152 -10.96 12.59 -0.06
N GLN A 153 -10.76 12.51 1.23
CA GLN A 153 -9.59 13.05 1.87
C GLN A 153 -8.70 11.93 2.46
N LEU A 154 -7.41 12.11 2.26
CA LEU A 154 -6.44 11.12 2.72
C LEU A 154 -6.58 10.87 4.23
N LYS A 155 -6.42 9.61 4.65
CA LYS A 155 -6.45 9.24 6.06
C LYS A 155 -5.18 8.52 6.49
N MET A 156 -4.94 8.52 7.79
CA MET A 156 -3.91 7.67 8.36
C MET A 156 -4.32 7.19 9.75
N THR A 157 -3.71 6.11 10.18
CA THR A 157 -3.91 5.60 11.53
C THR A 157 -2.66 4.90 12.03
N VAL A 158 -2.75 4.40 13.26
CA VAL A 158 -1.66 3.68 13.91
C VAL A 158 -2.11 2.25 14.21
N VAL A 159 -1.22 1.31 13.95
CA VAL A 159 -1.41 -0.09 14.31
C VAL A 159 -0.12 -0.62 14.92
N LYS A 160 -0.24 -1.69 15.70
CA LYS A 160 0.90 -2.31 16.36
C LYS A 160 1.31 -3.61 15.67
N LEU A 161 2.62 -3.79 15.50
CA LEU A 161 3.18 -5.00 14.90
C LEU A 161 2.92 -6.23 15.77
N ILE A 162 2.53 -7.33 15.12
CA ILE A 162 2.22 -8.59 15.78
C ILE A 162 3.31 -9.58 15.39
N SER A 163 3.75 -10.41 16.32
CA SER A 163 4.78 -11.38 16.02
C SER A 163 4.25 -12.43 15.07
N HIS A 164 5.15 -13.04 14.33
CA HIS A 164 4.81 -14.11 13.41
C HIS A 164 4.20 -15.27 14.17
N ARG A 165 4.74 -15.53 15.33
CA ARG A 165 4.24 -16.61 16.14
C ARG A 165 2.79 -16.41 16.57
N GLU A 166 2.43 -15.18 16.91
CA GLU A 166 1.05 -14.87 17.24
C GLU A 166 0.14 -14.88 16.00
N CYS A 167 0.61 -14.31 14.90
CA CYS A 167 -0.20 -14.23 13.68
C CYS A 167 -0.45 -15.60 13.02
N GLN A 168 0.41 -16.56 13.30
CA GLN A 168 0.29 -17.90 12.75
C GLN A 168 -0.63 -18.81 13.56
N GLN A 169 -1.19 -18.34 14.67
CA GLN A 169 -2.11 -19.14 15.45
C GLN A 169 -3.32 -19.41 14.61
N PRO A 170 -3.95 -20.61 14.85
CA PRO A 170 -5.11 -20.88 14.01
C PRO A 170 -6.25 -19.86 14.05
N HIS A 171 -6.52 -19.30 15.20
CA HIS A 171 -7.60 -18.32 15.32
C HIS A 171 -7.28 -16.99 14.63
N TYR A 172 -6.04 -16.77 14.28
CA TYR A 172 -5.65 -15.61 13.52
C TYR A 172 -5.61 -16.10 12.07
N TYR A 173 -4.44 -16.32 11.48
CA TYR A 173 -4.36 -16.70 10.06
C TYR A 173 -3.70 -18.06 9.76
N GLY A 174 -3.24 -18.78 10.78
CA GLY A 174 -2.61 -20.09 10.56
C GLY A 174 -1.39 -19.97 9.65
N SER A 175 -1.27 -20.91 8.71
CA SER A 175 -0.14 -20.95 7.77
C SER A 175 -0.28 -20.02 6.56
N GLU A 176 -1.39 -19.29 6.45
CA GLU A 176 -1.57 -18.32 5.37
C GLU A 176 -0.56 -17.17 5.47
N VAL A 177 -0.08 -16.88 6.68
CA VAL A 177 0.98 -15.88 6.90
C VAL A 177 2.37 -16.53 6.85
N THR A 178 3.27 -15.95 6.06
CA THR A 178 4.65 -16.42 5.90
C THR A 178 5.62 -15.44 6.54
N THR A 179 6.90 -15.81 6.60
CA THR A 179 7.95 -14.94 7.12
C THR A 179 8.25 -13.71 6.24
N LYS A 180 7.76 -13.71 5.00
CA LYS A 180 7.85 -12.55 4.12
C LYS A 180 6.65 -11.59 4.27
N MET A 181 5.80 -11.85 5.27
CA MET A 181 4.68 -10.97 5.60
C MET A 181 4.83 -10.45 7.03
N LEU A 182 4.23 -9.30 7.31
CA LEU A 182 4.12 -8.74 8.66
C LEU A 182 2.66 -8.52 8.98
N CYS A 183 2.27 -8.88 10.19
CA CYS A 183 0.92 -8.61 10.69
C CYS A 183 0.92 -7.37 11.58
N ALA A 184 -0.16 -6.59 11.52
CA ALA A 184 -0.32 -5.43 12.38
C ALA A 184 -1.79 -5.19 12.65
N ALA A 185 -2.10 -4.79 13.89
CA ALA A 185 -3.48 -4.54 14.28
C ALA A 185 -3.59 -3.63 15.50
N ASP A 186 -4.80 -3.16 15.74
CA ASP A 186 -5.12 -2.39 16.92
C ASP A 186 -5.45 -3.35 18.06
N PRO A 187 -5.01 -3.06 19.31
CA PRO A 187 -5.37 -3.94 20.44
C PRO A 187 -6.87 -4.15 20.66
N GLN A 188 -7.67 -3.13 20.34
CA GLN A 188 -9.15 -3.24 20.36
C GLN A 188 -9.78 -3.58 19.00
N TRP A 189 -8.96 -3.81 17.97
CA TRP A 189 -9.40 -4.10 16.60
C TRP A 189 -10.28 -2.99 16.00
N LYS A 190 -10.12 -1.77 16.48
CA LYS A 190 -11.02 -0.68 16.11
C LYS A 190 -10.53 0.18 14.94
N THR A 191 -9.28 -0.02 14.53
CA THR A 191 -8.69 0.74 13.41
C THR A 191 -7.81 -0.21 12.59
N ASP A 192 -7.74 0.02 11.28
CA ASP A 192 -7.12 -0.93 10.35
C ASP A 192 -7.05 -0.32 8.94
N SER A 193 -6.25 -0.92 8.06
CA SER A 193 -6.39 -0.69 6.63
C SER A 193 -7.61 -1.46 6.09
N CYS A 194 -8.05 -1.09 4.90
CA CYS A 194 -9.20 -1.73 4.27
C CYS A 194 -9.10 -1.67 2.75
N GLN A 195 -10.13 -2.14 2.05
CA GLN A 195 -10.13 -2.11 0.58
C GLN A 195 -9.84 -0.71 0.07
N GLY A 196 -8.90 -0.61 -0.88
CA GLY A 196 -8.45 0.67 -1.42
C GLY A 196 -7.15 1.19 -0.79
N ASP A 197 -6.81 0.68 0.40
CA ASP A 197 -5.51 0.97 1.02
C ASP A 197 -4.36 0.11 0.51
N SER A 198 -4.65 -0.98 -0.21
CA SER A 198 -3.62 -1.88 -0.74
C SER A 198 -2.54 -1.13 -1.49
N GLY A 199 -1.31 -1.61 -1.39
CA GLY A 199 -0.16 -0.97 -2.02
C GLY A 199 0.45 0.17 -1.24
N GLY A 200 -0.27 0.72 -0.26
CA GLY A 200 0.20 1.86 0.51
C GLY A 200 1.18 1.50 1.61
N PRO A 201 1.76 2.52 2.24
CA PRO A 201 2.86 2.34 3.18
C PRO A 201 2.45 1.98 4.61
N LEU A 202 3.17 1.03 5.19
CA LEU A 202 3.26 0.85 6.63
C LEU A 202 4.63 1.41 7.03
N VAL A 203 4.62 2.51 7.78
CA VAL A 203 5.85 3.25 8.11
C VAL A 203 6.13 3.12 9.61
N CYS A 204 7.37 2.73 9.93
CA CYS A 204 7.83 2.64 11.32
C CYS A 204 9.10 3.46 11.48
N SER A 205 9.37 3.88 12.71
CA SER A 205 10.62 4.54 13.06
C SER A 205 11.63 3.47 13.44
N LEU A 206 12.72 3.37 12.67
CA LEU A 206 13.81 2.41 12.92
C LEU A 206 15.15 3.14 12.91
N GLN A 207 15.91 2.99 14.00
CA GLN A 207 17.19 3.71 14.20
C GLN A 207 17.04 5.25 14.06
N GLY A 208 15.90 5.77 14.51
CA GLY A 208 15.58 7.19 14.39
C GLY A 208 15.36 7.67 12.97
N ARG A 209 14.74 6.82 12.13
CA ARG A 209 14.48 7.14 10.73
C ARG A 209 13.13 6.56 10.32
N MET A 210 12.31 7.37 9.64
CA MET A 210 11.04 6.89 9.08
C MET A 210 11.35 5.94 7.94
N THR A 211 10.79 4.74 8.02
CA THR A 211 11.19 3.60 7.18
C THR A 211 9.98 2.86 6.64
N LEU A 212 10.03 2.50 5.37
CA LEU A 212 8.96 1.70 4.75
C LEU A 212 9.10 0.23 5.17
N THR A 213 8.43 -0.13 6.27
CA THR A 213 8.51 -1.47 6.83
C THR A 213 7.58 -2.47 6.13
N GLY A 214 6.44 -1.98 5.65
CA GLY A 214 5.44 -2.82 5.02
C GLY A 214 4.68 -2.18 3.90
N ILE A 215 4.02 -3.02 3.11
CA ILE A 215 3.13 -2.61 2.02
C ILE A 215 1.80 -3.29 2.28
N VAL A 216 0.71 -2.51 2.31
CA VAL A 216 -0.63 -3.06 2.60
C VAL A 216 -0.94 -4.11 1.53
N SER A 217 -1.26 -5.32 1.97
CA SER A 217 -1.44 -6.46 1.07
C SER A 217 -2.81 -7.14 1.20
N TRP A 218 -3.13 -7.68 2.37
CA TRP A 218 -4.39 -8.43 2.53
C TRP A 218 -4.90 -8.52 3.96
N GLY A 219 -6.10 -9.07 4.11
CA GLY A 219 -6.69 -9.37 5.40
C GLY A 219 -8.09 -9.96 5.25
N ARG A 220 -8.59 -10.58 6.27
CA ARG A 220 -9.95 -11.06 6.23
C ARG A 220 -10.76 -9.91 6.87
N GLY A 221 -11.64 -9.30 6.06
CA GLY A 221 -12.44 -8.16 6.47
C GLY A 221 -11.53 -6.99 6.80
N CYS A 222 -12.01 -6.06 7.59
CA CYS A 222 -11.25 -4.95 8.06
C CYS A 222 -11.62 -4.66 9.54
N ALA A 223 -10.64 -4.38 10.38
CA ALA A 223 -10.90 -4.03 11.77
C ALA A 223 -11.82 -5.08 12.41
N LEU A 224 -11.47 -6.34 12.16
CA LEU A 224 -12.24 -7.50 12.59
C LEU A 224 -11.43 -8.26 13.64
N LYS A 225 -12.10 -8.68 14.71
CA LYS A 225 -11.42 -9.36 15.82
C LYS A 225 -10.68 -10.62 15.35
N ASP A 226 -9.45 -10.78 15.84
CA ASP A 226 -8.51 -11.85 15.49
C ASP A 226 -8.08 -11.90 14.02
N LYS A 227 -8.25 -10.81 13.28
CA LYS A 227 -7.90 -10.79 11.85
C LYS A 227 -7.08 -9.54 11.57
N PRO A 228 -5.76 -9.59 11.84
CA PRO A 228 -4.92 -8.44 11.56
C PRO A 228 -4.84 -8.04 10.09
N GLY A 229 -4.33 -6.84 9.84
CA GLY A 229 -3.86 -6.48 8.51
C GLY A 229 -2.57 -7.21 8.24
N VAL A 230 -2.38 -7.60 6.99
CA VAL A 230 -1.17 -8.31 6.57
C VAL A 230 -0.46 -7.47 5.51
N TYR A 231 0.85 -7.33 5.70
CA TYR A 231 1.69 -6.40 4.96
C TYR A 231 2.86 -7.18 4.38
N THR A 232 3.25 -6.83 3.16
CA THR A 232 4.44 -7.41 2.55
C THR A 232 5.63 -6.88 3.34
N ARG A 233 6.52 -7.77 3.74
CA ARG A 233 7.63 -7.43 4.63
C ARG A 233 8.81 -6.91 3.78
N VAL A 234 8.92 -5.59 3.68
CA VAL A 234 9.85 -4.96 2.72
C VAL A 234 11.31 -5.38 2.95
N SER A 235 11.69 -5.58 4.22
CA SER A 235 13.07 -5.96 4.58
C SER A 235 13.50 -7.35 4.09
N HIS A 236 12.56 -8.15 3.59
CA HIS A 236 12.84 -9.45 2.95
C HIS A 236 12.87 -9.40 1.41
N PHE A 237 12.74 -8.21 0.82
CA PHE A 237 12.71 -8.06 -0.64
C PHE A 237 13.76 -7.08 -1.18
N LEU A 238 14.81 -6.79 -0.40
CA LEU A 238 15.75 -5.75 -0.81
C LEU A 238 16.55 -6.11 -2.07
N PRO A 239 16.95 -7.39 -2.24
CA PRO A 239 17.64 -7.77 -3.48
C PRO A 239 16.73 -7.64 -4.71
N TRP A 240 15.47 -8.06 -4.58
CA TRP A 240 14.48 -7.90 -5.65
C TRP A 240 14.29 -6.42 -6.01
N ILE A 241 14.19 -5.54 -5.00
CA ILE A 241 14.00 -4.11 -5.22
C ILE A 241 15.23 -3.48 -5.91
N ARG A 242 16.41 -3.76 -5.38
CA ARG A 242 17.65 -3.17 -5.91
C ARG A 242 17.94 -3.61 -7.34
N SER A 243 17.72 -4.89 -7.63
CA SER A 243 17.94 -5.42 -8.97
C SER A 243 16.97 -4.81 -9.99
N HIS A 244 15.69 -4.71 -9.64
CA HIS A 244 14.69 -4.18 -10.57
C HIS A 244 14.65 -2.65 -10.69
N THR A 245 15.32 -1.94 -9.78
CA THR A 245 15.42 -0.47 -9.84
C THR A 245 16.75 -0.04 -10.45
N GLY B 1 -18.25 -10.04 1.58
CA GLY B 1 -17.60 -11.04 0.69
C GLY B 1 -16.12 -10.78 0.49
N ALA B 2 -15.50 -11.57 -0.39
CA ALA B 2 -14.08 -11.43 -0.70
C ALA B 2 -13.77 -10.14 -1.45
N CYS B 3 -14.64 -9.78 -2.40
CA CYS B 3 -14.47 -8.57 -3.24
C CYS B 3 -14.49 -7.23 -2.49
N SER B 4 -14.97 -7.23 -1.24
CA SER B 4 -14.94 -6.03 -0.38
C SER B 4 -13.69 -5.98 0.54
N ALA B 5 -12.64 -6.74 0.19
CA ALA B 5 -11.47 -6.91 1.06
C ALA B 5 -10.18 -6.41 0.41
N ARG B 6 -9.16 -6.24 1.25
CA ARG B 6 -7.79 -6.03 0.78
C ARG B 6 -7.34 -7.30 0.08
N GLY B 7 -6.88 -7.15 -1.15
CA GLY B 7 -6.45 -8.27 -1.97
C GLY B 7 -7.13 -8.33 -3.33
N LEU B 8 -8.34 -7.80 -3.44
CA LEU B 8 -9.13 -7.87 -4.68
C LEU B 8 -9.50 -6.50 -5.29
N GLU B 9 -8.65 -5.48 -5.06
CA GLU B 9 -8.81 -4.18 -5.72
C GLU B 9 -8.43 -4.34 -7.19
N ASN B 10 -9.20 -3.71 -8.08
CA ASN B 10 -8.92 -3.72 -9.53
C ASN B 10 -8.90 -5.15 -10.09
N HIS B 11 -9.91 -5.95 -9.70
CA HIS B 11 -10.03 -7.34 -10.14
C HIS B 11 -11.24 -7.51 -11.05
N ALA B 12 -11.10 -8.37 -12.06
CA ALA B 12 -12.10 -8.54 -13.12
C ALA B 12 -13.42 -9.11 -12.60
N ALA B 13 -13.31 -10.17 -11.78
CA ALA B 13 -14.49 -10.81 -11.16
C ALA B 13 -15.29 -9.85 -10.26
N CYS B 14 -14.59 -8.93 -9.59
CA CYS B 14 -15.21 -7.95 -8.68
C CYS B 14 -15.62 -6.68 -9.43
#